data_2WR8
#
_entry.id   2WR8
#
_cell.length_a   65.561
_cell.length_b   65.561
_cell.length_c   142.685
_cell.angle_alpha   90.00
_cell.angle_beta   90.00
_cell.angle_gamma   120.00
#
_symmetry.space_group_name_H-M   'H 3'
#
loop_
_entity.id
_entity.type
_entity.pdbx_description
1 polymer 'PUTATIVE UNCHARACTERIZED PROTEIN PH0463'
2 non-polymer S-ADENOSYL-L-HOMOCYSTEINE
3 water water
#
_entity_poly.entity_id   1
_entity_poly.type   'polypeptide(L)'
_entity_poly.pdbx_seq_one_letter_code
;GSHMITLTTDFGLKGPYVGEMKVAMLRINPNAKIVDVTHSVTRHSILEGSFVMEQVVKYSPKGTVHVGVIDPGVGTERRA
IVIEGDQYLVVPDNGLATLPLKHIKVKSVYEIIPDKIRKFTGWEISSTFHGRDIFGPAGALIEKGIHPEEFGREIPVDSI
VKLNVEPRKEGDVWILKVIYIDDFGNVILNLENYEKPRTVELLDFNLRLPYLETYGLVEKGEMLALPGSHDYLEIAVNMG
SAAERLNVKVGDELRVRLL
;
_entity_poly.pdbx_strand_id   A
#
# COMPACT_ATOMS: atom_id res chain seq x y z
N GLY A 1 2.05 -23.61 -0.54
CA GLY A 1 2.11 -23.31 0.94
C GLY A 1 3.51 -23.07 1.51
N SER A 2 4.47 -22.77 0.64
CA SER A 2 5.84 -22.56 1.07
C SER A 2 6.01 -21.13 1.57
N HIS A 3 5.47 -20.18 0.80
CA HIS A 3 5.54 -18.79 1.20
C HIS A 3 4.14 -18.26 1.43
N MET A 4 4.13 -17.18 2.18
CA MET A 4 2.94 -16.39 2.43
C MET A 4 2.40 -15.69 1.14
N ILE A 5 1.08 -15.46 1.04
CA ILE A 5 0.48 -14.59 0.05
C ILE A 5 -0.29 -13.61 0.88
N THR A 6 0.08 -12.33 0.79
CA THR A 6 -0.57 -11.27 1.53
C THR A 6 -1.65 -10.60 0.65
N LEU A 7 -2.68 -10.07 1.27
CA LEU A 7 -3.74 -9.38 0.59
C LEU A 7 -4.02 -7.97 1.13
N THR A 8 -3.99 -7.01 0.21
CA THR A 8 -4.26 -5.58 0.49
C THR A 8 -5.23 -5.11 -0.56
N THR A 9 -6.39 -4.58 -0.14
CA THR A 9 -7.41 -4.11 -1.10
C THR A 9 -8.13 -2.93 -0.50
N ASP A 10 -8.95 -2.31 -1.33
CA ASP A 10 -9.96 -1.36 -0.89
C ASP A 10 -11.39 -1.92 -1.05
N PHE A 11 -11.51 -3.24 -1.13
CA PHE A 11 -12.82 -3.86 -1.47
C PHE A 11 -13.87 -3.66 -0.40
N GLY A 12 -13.42 -3.48 0.82
CA GLY A 12 -14.32 -3.40 1.96
C GLY A 12 -14.55 -4.76 2.61
N LEU A 13 -15.13 -4.74 3.81
CA LEU A 13 -15.39 -5.96 4.57
C LEU A 13 -16.83 -6.44 4.52
N LYS A 14 -17.76 -5.61 4.08
CA LYS A 14 -19.17 -6.02 4.05
C LYS A 14 -19.53 -6.56 2.69
N GLY A 15 -19.62 -7.90 2.55
CA GLY A 15 -20.04 -8.44 1.28
C GLY A 15 -19.19 -9.62 0.95
N PRO A 16 -19.31 -10.13 -0.30
CA PRO A 16 -18.63 -11.36 -0.70
C PRO A 16 -17.27 -11.21 -1.33
N TYR A 17 -16.80 -9.98 -1.57
CA TYR A 17 -15.66 -9.83 -2.49
C TYR A 17 -14.43 -10.52 -1.95
N VAL A 18 -14.05 -10.23 -0.71
CA VAL A 18 -12.87 -10.90 -0.18
C VAL A 18 -12.97 -12.41 -0.13
N GLY A 19 -14.09 -12.94 0.35
CA GLY A 19 -14.31 -14.39 0.38
C GLY A 19 -14.21 -15.02 -1.00
N GLU A 20 -14.86 -14.39 -2.00
CA GLU A 20 -14.75 -14.88 -3.38
C GLU A 20 -13.30 -15.00 -3.85
N MET A 21 -12.53 -13.93 -3.66
CA MET A 21 -11.11 -13.92 -4.02
C MET A 21 -10.36 -15.05 -3.30
N LYS A 22 -10.58 -15.23 -1.99
CA LYS A 22 -9.91 -16.27 -1.24
C LYS A 22 -10.27 -17.66 -1.74
N VAL A 23 -11.55 -17.92 -1.97
CA VAL A 23 -11.93 -19.28 -2.40
C VAL A 23 -11.37 -19.57 -3.81
N ALA A 24 -11.31 -18.55 -4.66
CA ALA A 24 -10.67 -18.67 -6.00
C ALA A 24 -9.21 -19.05 -5.91
N MET A 25 -8.51 -18.40 -4.98
CA MET A 25 -7.13 -18.70 -4.69
C MET A 25 -6.88 -20.13 -4.18
N LEU A 26 -7.73 -20.55 -3.24
CA LEU A 26 -7.59 -21.84 -2.57
C LEU A 26 -8.02 -22.97 -3.47
N ARG A 27 -8.92 -22.70 -4.41
CA ARG A 27 -9.23 -23.58 -5.51
C ARG A 27 -7.97 -23.98 -6.28
N ILE A 28 -7.20 -22.98 -6.63
CA ILE A 28 -5.96 -23.15 -7.36
C ILE A 28 -4.84 -23.69 -6.50
N ASN A 29 -4.74 -23.19 -5.29
CA ASN A 29 -3.62 -23.51 -4.43
C ASN A 29 -4.17 -23.89 -3.06
N PRO A 30 -4.63 -25.14 -2.89
CA PRO A 30 -5.34 -25.46 -1.66
C PRO A 30 -4.52 -25.29 -0.40
N ASN A 31 -3.19 -25.32 -0.51
CA ASN A 31 -2.36 -25.20 0.67
C ASN A 31 -1.85 -23.79 0.91
N ALA A 32 -2.36 -22.82 0.16
CA ALA A 32 -1.92 -21.44 0.29
C ALA A 32 -2.08 -20.92 1.74
N LYS A 33 -1.08 -20.16 2.18
CA LYS A 33 -1.09 -19.50 3.47
C LYS A 33 -1.40 -18.03 3.17
N ILE A 34 -2.68 -17.65 3.31
CA ILE A 34 -3.18 -16.39 2.85
C ILE A 34 -3.27 -15.47 4.10
N VAL A 35 -2.58 -14.34 4.05
CA VAL A 35 -2.51 -13.48 5.20
C VAL A 35 -3.18 -12.17 4.84
N ASP A 36 -4.28 -11.84 5.50
CA ASP A 36 -4.92 -10.55 5.26
C ASP A 36 -4.08 -9.39 5.84
N VAL A 37 -3.90 -8.33 5.05
CA VAL A 37 -3.34 -7.09 5.55
C VAL A 37 -4.54 -6.22 5.92
N THR A 38 -5.28 -5.80 4.89
CA THR A 38 -6.43 -4.90 5.06
C THR A 38 -7.23 -4.98 3.78
N HIS A 39 -8.52 -4.74 3.94
CA HIS A 39 -9.43 -4.55 2.83
C HIS A 39 -10.19 -3.25 3.02
N SER A 40 -9.63 -2.39 3.88
CA SER A 40 -10.28 -1.17 4.27
C SER A 40 -9.46 0.05 3.89
N VAL A 41 -8.60 -0.10 2.89
CA VAL A 41 -7.94 1.06 2.31
C VAL A 41 -9.02 2.01 1.80
N THR A 42 -8.76 3.31 1.98
CA THR A 42 -9.70 4.37 1.57
C THR A 42 -10.05 4.12 0.11
N ARG A 43 -11.33 4.13 -0.21
CA ARG A 43 -11.79 3.80 -1.58
C ARG A 43 -10.90 4.45 -2.69
N HIS A 44 -10.37 3.60 -3.58
CA HIS A 44 -9.65 4.04 -4.78
C HIS A 44 -8.31 4.72 -4.46
N SER A 45 -7.87 4.75 -3.20
CA SER A 45 -6.62 5.44 -2.86
C SER A 45 -5.43 4.50 -3.18
N ILE A 46 -4.88 4.68 -4.38
CA ILE A 46 -3.71 3.90 -4.77
C ILE A 46 -2.53 4.31 -3.84
N LEU A 47 -2.49 5.61 -3.44
CA LEU A 47 -1.45 6.14 -2.55
C LEU A 47 -1.46 5.44 -1.20
N GLU A 48 -2.62 5.36 -0.56
CA GLU A 48 -2.65 4.76 0.78
C GLU A 48 -2.37 3.24 0.67
N GLY A 49 -2.95 2.61 -0.34
CA GLY A 49 -2.62 1.22 -0.64
C GLY A 49 -1.14 0.98 -0.79
N SER A 50 -0.43 1.87 -1.50
CA SER A 50 0.99 1.69 -1.73
C SER A 50 1.75 1.74 -0.38
N PHE A 51 1.35 2.66 0.47
CA PHE A 51 1.95 2.85 1.82
C PHE A 51 1.78 1.60 2.63
N VAL A 52 0.58 1.04 2.60
CA VAL A 52 0.28 -0.12 3.40
C VAL A 52 1.10 -1.31 2.93
N MET A 53 1.13 -1.57 1.62
CA MET A 53 1.96 -2.65 1.12
C MET A 53 3.45 -2.42 1.40
N GLU A 54 3.89 -1.17 1.35
CA GLU A 54 5.28 -0.84 1.68
C GLU A 54 5.66 -1.34 3.09
N GLN A 55 4.79 -1.07 4.04
CA GLN A 55 5.09 -1.42 5.44
C GLN A 55 5.11 -2.94 5.60
N VAL A 56 4.19 -3.65 4.97
CA VAL A 56 4.17 -5.09 5.08
C VAL A 56 5.36 -5.73 4.35
N VAL A 57 5.70 -5.22 3.19
CA VAL A 57 6.88 -5.73 2.45
C VAL A 57 8.18 -5.63 3.29
N LYS A 58 8.31 -4.52 4.01
CA LYS A 58 9.48 -4.25 4.83
C LYS A 58 9.72 -5.31 5.89
N TYR A 59 8.65 -5.92 6.38
CA TYR A 59 8.74 -6.94 7.41
C TYR A 59 8.51 -8.39 6.95
N SER A 60 8.22 -8.62 5.66
CA SER A 60 7.97 -9.98 5.15
C SER A 60 9.23 -10.67 4.75
N PRO A 61 9.25 -11.99 4.86
CA PRO A 61 10.45 -12.68 4.45
C PRO A 61 10.57 -12.71 2.93
N LYS A 62 11.78 -12.93 2.42
CA LYS A 62 12.03 -13.00 0.98
C LYS A 62 11.19 -14.14 0.44
N GLY A 63 10.69 -14.00 -0.79
CA GLY A 63 9.83 -15.01 -1.42
C GLY A 63 8.35 -14.82 -1.20
N THR A 64 7.99 -13.92 -0.29
CA THR A 64 6.58 -13.56 -0.05
C THR A 64 5.91 -12.98 -1.31
N VAL A 65 4.65 -13.34 -1.48
CA VAL A 65 3.88 -12.92 -2.64
C VAL A 65 2.84 -11.96 -2.14
N HIS A 66 2.85 -10.76 -2.67
CA HIS A 66 1.92 -9.67 -2.25
C HIS A 66 0.90 -9.31 -3.30
N VAL A 67 -0.36 -9.61 -3.03
CA VAL A 67 -1.43 -9.29 -3.95
C VAL A 67 -2.01 -7.97 -3.46
N GLY A 68 -2.05 -7.01 -4.33
CA GLY A 68 -2.63 -5.67 -4.01
C GLY A 68 -3.66 -5.32 -5.03
N VAL A 69 -4.85 -4.93 -4.60
CA VAL A 69 -5.90 -4.56 -5.55
C VAL A 69 -6.65 -3.32 -5.05
N ILE A 70 -6.15 -2.17 -5.45
CA ILE A 70 -6.91 -0.92 -5.40
C ILE A 70 -6.93 -0.48 -6.87
N ASP A 71 -8.10 -0.50 -7.52
CA ASP A 71 -8.19 -0.57 -9.01
C ASP A 71 -9.34 0.25 -9.57
N PRO A 72 -9.33 1.56 -9.30
CA PRO A 72 -10.42 2.41 -9.83
C PRO A 72 -10.53 2.43 -11.37
N GLY A 73 -9.37 2.29 -12.01
CA GLY A 73 -9.25 2.32 -13.47
C GLY A 73 -9.36 1.00 -14.16
N VAL A 74 -9.95 0.02 -13.47
CA VAL A 74 -10.20 -1.29 -14.03
C VAL A 74 -11.04 -1.17 -15.29
N GLY A 75 -10.69 -2.03 -16.26
CA GLY A 75 -11.06 -1.90 -17.67
C GLY A 75 -9.93 -2.54 -18.47
N GLU A 77 -7.73 0.61 -20.35
CA GLU A 77 -7.04 -0.67 -20.59
C GLU A 77 -5.66 -0.68 -19.88
N ARG A 78 -5.73 -0.43 -18.59
CA ARG A 78 -4.58 -0.59 -17.71
C ARG A 78 -4.14 -2.07 -17.64
N ARG A 79 -2.85 -2.28 -17.47
CA ARG A 79 -2.29 -3.65 -17.38
C ARG A 79 -2.39 -4.24 -15.97
N ALA A 80 -2.45 -5.58 -15.91
CA ALA A 80 -2.34 -6.36 -14.69
C ALA A 80 -0.95 -6.90 -14.74
N ILE A 81 -0.18 -6.68 -13.67
CA ILE A 81 1.23 -7.09 -13.71
C ILE A 81 1.72 -7.96 -12.55
N VAL A 82 2.72 -8.76 -12.83
CA VAL A 82 3.50 -9.46 -11.81
C VAL A 82 4.89 -8.85 -11.78
N ILE A 83 5.29 -8.37 -10.61
CA ILE A 83 6.67 -7.91 -10.44
C ILE A 83 7.43 -9.03 -9.75
N GLU A 84 8.47 -9.54 -10.40
CA GLU A 84 9.22 -10.66 -9.89
C GLU A 84 10.52 -10.17 -9.29
N GLY A 85 10.70 -10.37 -7.99
CA GLY A 85 11.86 -9.86 -7.28
C GLY A 85 12.21 -10.80 -6.17
N ASP A 86 13.02 -10.35 -5.20
CA ASP A 86 13.24 -11.15 -4.00
C ASP A 86 11.97 -11.25 -3.19
N GLN A 87 11.00 -10.38 -3.49
CA GLN A 87 9.61 -10.66 -3.19
C GLN A 87 8.80 -10.46 -4.45
N TYR A 88 7.57 -10.96 -4.46
CA TYR A 88 6.69 -10.74 -5.63
C TYR A 88 5.62 -9.69 -5.30
N LEU A 89 5.25 -8.90 -6.31
CA LEU A 89 4.04 -8.06 -6.27
C LEU A 89 3.08 -8.47 -7.41
N VAL A 90 1.80 -8.63 -7.10
CA VAL A 90 0.76 -8.91 -8.11
C VAL A 90 -0.28 -7.79 -7.95
N VAL A 91 -0.26 -6.88 -8.90
CA VAL A 91 -0.94 -5.58 -8.75
C VAL A 91 -1.42 -5.04 -10.10
N PRO A 92 -2.42 -4.14 -10.08
CA PRO A 92 -2.74 -3.35 -11.27
C PRO A 92 -1.54 -2.43 -11.57
N ASP A 93 -1.28 -2.19 -12.83
CA ASP A 93 -0.22 -1.27 -13.24
C ASP A 93 -0.74 0.15 -13.17
N ASN A 94 -0.83 0.67 -11.94
CA ASN A 94 -1.39 1.98 -11.69
C ASN A 94 -0.63 2.80 -10.61
N GLY A 95 0.57 2.35 -10.32
CA GLY A 95 1.46 2.94 -9.35
C GLY A 95 1.35 2.38 -7.94
N LEU A 96 0.44 1.43 -7.71
CA LEU A 96 0.33 0.79 -6.38
C LEU A 96 1.68 0.21 -5.94
N ALA A 97 2.49 -0.27 -6.89
CA ALA A 97 3.77 -0.93 -6.59
C ALA A 97 4.82 0.07 -6.09
N THR A 98 4.57 1.38 -6.20
CA THR A 98 5.67 2.34 -6.08
C THR A 98 6.42 2.34 -4.75
N LEU A 99 5.69 2.45 -3.63
CA LEU A 99 6.35 2.38 -2.33
C LEU A 99 6.96 1.00 -2.01
N PRO A 100 6.21 -0.11 -2.18
CA PRO A 100 6.87 -1.39 -1.93
C PRO A 100 8.14 -1.64 -2.75
N LEU A 101 8.20 -1.09 -3.96
CA LEU A 101 9.33 -1.29 -4.86
C LEU A 101 10.65 -0.68 -4.30
N LYS A 102 10.53 0.26 -3.35
CA LYS A 102 11.69 0.83 -2.65
C LYS A 102 12.44 -0.23 -1.86
N HIS A 103 11.79 -1.37 -1.60
CA HIS A 103 12.35 -2.42 -0.75
C HIS A 103 12.52 -3.75 -1.43
N ILE A 104 12.35 -3.80 -2.74
CA ILE A 104 12.47 -5.08 -3.47
C ILE A 104 13.50 -4.94 -4.55
N LYS A 105 14.35 -5.95 -4.69
CA LYS A 105 15.27 -6.04 -5.82
C LYS A 105 14.54 -6.78 -6.92
N VAL A 106 14.25 -6.08 -8.01
CA VAL A 106 13.40 -6.60 -9.09
C VAL A 106 14.22 -7.36 -10.13
N LYS A 107 13.76 -8.55 -10.49
CA LYS A 107 14.36 -9.32 -11.54
C LYS A 107 13.66 -9.05 -12.86
N SER A 108 12.34 -9.23 -12.86
CA SER A 108 11.59 -9.04 -14.09
C SER A 108 10.14 -8.64 -13.78
N VAL A 109 9.46 -8.13 -14.82
CA VAL A 109 8.06 -7.74 -14.75
C VAL A 109 7.31 -8.41 -15.88
N TYR A 110 6.11 -8.88 -15.59
CA TYR A 110 5.26 -9.54 -16.57
C TYR A 110 3.89 -8.87 -16.62
N GLU A 111 3.37 -8.72 -17.83
CA GLU A 111 1.96 -8.41 -18.03
C GLU A 111 1.16 -9.69 -18.08
N ILE A 112 0.12 -9.76 -17.25
CA ILE A 112 -0.75 -10.91 -17.20
C ILE A 112 -1.62 -10.88 -18.47
N ILE A 113 -1.78 -12.02 -19.10
CA ILE A 113 -2.63 -12.12 -20.27
C ILE A 113 -3.90 -12.83 -19.82
N PRO A 114 -5.04 -12.11 -19.82
CA PRO A 114 -6.35 -12.66 -19.38
C PRO A 114 -6.71 -14.02 -19.94
N ASP A 115 -6.55 -14.18 -21.25
CA ASP A 115 -6.81 -15.45 -21.92
C ASP A 115 -6.06 -16.64 -21.29
N LYS A 116 -4.82 -16.39 -20.88
CA LYS A 116 -3.99 -17.44 -20.28
C LYS A 116 -4.38 -17.70 -18.80
N ILE A 117 -4.83 -16.67 -18.08
CA ILE A 117 -5.38 -16.86 -16.74
C ILE A 117 -6.66 -17.70 -16.80
N ARG A 118 -7.57 -17.34 -17.71
CA ARG A 118 -8.84 -18.07 -17.86
C ARG A 118 -8.63 -19.57 -18.06
N LYS A 119 -7.52 -19.93 -18.69
CA LYS A 119 -7.10 -21.34 -18.85
C LYS A 119 -7.05 -22.05 -17.52
N PHE A 120 -6.61 -21.33 -16.50
CA PHE A 120 -6.33 -21.90 -15.18
C PHE A 120 -7.53 -21.85 -14.26
N THR A 121 -8.36 -20.82 -14.40
CA THR A 121 -9.51 -20.64 -13.53
C THR A 121 -10.74 -21.40 -14.08
N GLY A 122 -11.06 -21.16 -15.35
CA GLY A 122 -12.19 -21.82 -15.98
C GLY A 122 -13.43 -20.95 -16.11
N TRP A 123 -13.40 -19.77 -15.52
CA TRP A 123 -14.56 -18.90 -15.54
C TRP A 123 -14.32 -17.59 -16.24
N GLU A 124 -15.43 -16.96 -16.63
CA GLU A 124 -15.44 -15.69 -17.37
C GLU A 124 -14.75 -14.59 -16.53
N ILE A 125 -13.83 -13.86 -17.15
CA ILE A 125 -13.22 -12.71 -16.44
C ILE A 125 -14.21 -11.54 -16.48
N SER A 126 -14.66 -11.12 -15.30
CA SER A 126 -15.54 -9.97 -15.18
C SER A 126 -14.88 -8.67 -15.62
N SER A 127 -15.67 -7.63 -15.89
CA SER A 127 -15.07 -6.34 -16.29
C SER A 127 -14.48 -5.58 -15.15
N THR A 128 -14.94 -5.87 -13.92
CA THR A 128 -14.55 -5.07 -12.77
C THR A 128 -13.89 -5.81 -11.62
N PHE A 129 -14.12 -7.12 -11.43
CA PHE A 129 -13.64 -7.81 -10.24
C PHE A 129 -12.43 -8.64 -10.61
N HIS A 130 -11.36 -7.92 -10.95
CA HIS A 130 -10.10 -8.58 -11.31
C HIS A 130 -9.34 -9.19 -10.12
N GLY A 131 -9.63 -8.74 -8.90
CA GLY A 131 -9.10 -9.49 -7.74
C GLY A 131 -9.48 -10.96 -7.76
N ARG A 132 -10.74 -11.25 -8.03
CA ARG A 132 -11.22 -12.63 -8.10
C ARG A 132 -10.75 -13.34 -9.35
N ASP A 133 -10.68 -12.59 -10.47
CA ASP A 133 -10.54 -13.25 -11.79
C ASP A 133 -9.15 -13.21 -12.41
N ILE A 134 -8.26 -12.39 -11.85
CA ILE A 134 -6.92 -12.20 -12.43
C ILE A 134 -5.85 -12.16 -11.31
N PHE A 135 -5.94 -11.20 -10.39
CA PHE A 135 -4.84 -10.96 -9.39
C PHE A 135 -4.69 -12.04 -8.34
N GLY A 136 -5.78 -12.44 -7.72
CA GLY A 136 -5.74 -13.54 -6.77
C GLY A 136 -5.26 -14.83 -7.39
N PRO A 137 -5.91 -15.25 -8.50
CA PRO A 137 -5.36 -16.41 -9.20
C PRO A 137 -3.89 -16.33 -9.54
N ALA A 138 -3.43 -15.19 -10.07
CA ALA A 138 -2.01 -15.05 -10.40
C ALA A 138 -1.12 -15.25 -9.18
N GLY A 139 -1.45 -14.57 -8.08
CA GLY A 139 -0.76 -14.82 -6.78
C GLY A 139 -0.72 -16.28 -6.34
N ALA A 140 -1.86 -16.97 -6.42
CA ALA A 140 -1.98 -18.36 -6.02
C ALA A 140 -1.12 -19.23 -6.93
N LEU A 141 -1.20 -18.98 -8.22
CA LEU A 141 -0.40 -19.70 -9.21
C LEU A 141 1.11 -19.54 -9.01
N ILE A 142 1.57 -18.29 -8.84
CA ILE A 142 2.98 -17.99 -8.53
C ILE A 142 3.45 -18.72 -7.29
N GLU A 143 2.70 -18.68 -6.20
CA GLU A 143 3.08 -19.41 -4.97
C GLU A 143 3.05 -20.93 -5.18
N LYS A 144 2.22 -21.44 -6.11
CA LYS A 144 2.11 -22.89 -6.45
C LYS A 144 3.30 -23.37 -7.30
N GLY A 145 4.09 -22.41 -7.80
CA GLY A 145 5.29 -22.73 -8.58
C GLY A 145 5.06 -22.60 -10.07
N ILE A 146 3.95 -21.98 -10.47
CA ILE A 146 3.68 -21.66 -11.89
C ILE A 146 4.44 -20.40 -12.27
N HIS A 147 5.33 -20.50 -13.27
CA HIS A 147 6.10 -19.34 -13.72
C HIS A 147 5.19 -18.29 -14.37
N PRO A 148 5.41 -17.00 -14.06
CA PRO A 148 4.63 -15.94 -14.72
C PRO A 148 4.66 -16.01 -16.25
N GLU A 149 5.73 -16.55 -16.83
CA GLU A 149 5.80 -16.75 -18.28
C GLU A 149 4.65 -17.55 -18.83
N GLU A 150 4.07 -18.42 -18.00
CA GLU A 150 2.96 -19.30 -18.39
C GLU A 150 1.59 -18.62 -18.50
N PHE A 151 1.48 -17.43 -17.94
CA PHE A 151 0.20 -16.70 -17.98
C PHE A 151 0.38 -15.22 -18.26
N GLY A 152 1.56 -14.89 -18.76
CA GLY A 152 1.92 -13.54 -19.06
C GLY A 152 3.12 -13.45 -19.97
N ARG A 153 3.52 -12.20 -20.21
CA ARG A 153 4.63 -11.93 -21.09
C ARG A 153 5.46 -10.84 -20.49
N GLU A 154 6.77 -10.99 -20.59
CA GLU A 154 7.65 -10.05 -19.94
C GLU A 154 7.60 -8.68 -20.61
N ILE A 155 7.62 -7.65 -19.77
CA ILE A 155 7.65 -6.24 -20.17
C ILE A 155 8.80 -5.51 -19.44
N PRO A 156 9.23 -4.36 -19.96
CA PRO A 156 10.35 -3.63 -19.32
C PRO A 156 9.98 -3.16 -17.92
N VAL A 157 10.88 -3.32 -16.95
CA VAL A 157 10.64 -2.82 -15.60
C VAL A 157 10.40 -1.32 -15.54
N ASP A 158 11.04 -0.56 -16.44
CA ASP A 158 10.90 0.91 -16.44
C ASP A 158 9.67 1.46 -17.17
N SER A 159 8.79 0.57 -17.63
CA SER A 159 7.59 0.99 -18.34
C SER A 159 6.34 1.14 -17.43
N ILE A 160 6.45 0.71 -16.16
CA ILE A 160 5.26 0.63 -15.29
C ILE A 160 4.93 1.98 -14.66
N VAL A 161 3.67 2.14 -14.30
CA VAL A 161 3.14 3.39 -13.79
C VAL A 161 3.80 3.62 -12.42
N LYS A 162 4.21 4.84 -12.14
CA LYS A 162 4.86 5.19 -10.87
C LYS A 162 4.10 6.37 -10.29
N LEU A 163 3.79 6.31 -8.99
CA LEU A 163 3.23 7.43 -8.24
C LEU A 163 4.27 8.49 -7.96
N ASN A 164 3.87 9.76 -7.96
CA ASN A 164 4.77 10.84 -7.51
C ASN A 164 4.65 10.91 -5.98
N VAL A 165 5.67 10.49 -5.26
CA VAL A 165 5.55 10.36 -3.82
C VAL A 165 6.57 11.18 -3.03
N GLU A 166 7.48 11.88 -3.69
CA GLU A 166 8.51 12.56 -2.94
C GLU A 166 7.98 13.89 -2.41
N PRO A 167 8.35 14.28 -1.17
CA PRO A 167 7.91 15.60 -0.69
C PRO A 167 8.70 16.72 -1.37
N ARG A 168 8.23 17.95 -1.22
CA ARG A 168 8.89 19.12 -1.76
C ARG A 168 9.45 19.97 -0.62
N LYS A 169 10.57 20.63 -0.87
CA LYS A 169 11.14 21.50 0.15
C LYS A 169 11.44 22.86 -0.47
N GLU A 170 10.93 23.90 0.16
CA GLU A 170 11.27 25.27 -0.24
C GLU A 170 11.93 25.96 0.92
N GLY A 171 13.24 26.17 0.81
CA GLY A 171 13.99 26.72 1.92
C GLY A 171 13.91 25.76 3.08
N ASP A 172 13.47 26.25 4.24
CA ASP A 172 13.30 25.42 5.44
C ASP A 172 11.88 24.84 5.58
N VAL A 173 11.05 25.00 4.55
CA VAL A 173 9.68 24.52 4.57
C VAL A 173 9.46 23.32 3.68
N TRP A 174 9.04 22.23 4.31
CA TRP A 174 8.62 21.07 3.59
C TRP A 174 7.15 21.20 3.22
N ILE A 175 6.81 20.75 2.01
CA ILE A 175 5.43 20.58 1.62
C ILE A 175 5.20 19.04 1.58
N LEU A 176 4.51 18.55 2.60
CA LEU A 176 4.35 17.13 2.85
C LEU A 176 2.95 16.69 2.50
N LYS A 177 2.83 15.43 2.12
CA LYS A 177 1.54 14.88 1.74
C LYS A 177 1.09 13.87 2.80
N VAL A 178 -0.20 13.87 3.11
CA VAL A 178 -0.80 12.84 3.93
C VAL A 178 -0.91 11.54 3.11
N ILE A 179 -0.18 10.52 3.52
CA ILE A 179 -0.16 9.25 2.80
C ILE A 179 -0.95 8.14 3.48
N TYR A 180 -1.31 8.33 4.75
CA TYR A 180 -2.07 7.35 5.51
C TYR A 180 -2.72 8.04 6.71
N ILE A 181 -3.96 7.64 7.03
CA ILE A 181 -4.59 8.02 8.28
C ILE A 181 -5.13 6.74 8.89
N ASP A 182 -4.72 6.45 10.13
CA ASP A 182 -5.08 5.18 10.79
C ASP A 182 -6.40 5.30 11.54
N ASP A 183 -6.81 4.20 12.18
CA ASP A 183 -8.15 4.22 12.80
C ASP A 183 -8.27 5.11 14.02
N PHE A 184 -7.15 5.59 14.54
CA PHE A 184 -7.12 6.54 15.63
C PHE A 184 -7.24 7.97 15.13
N GLY A 185 -7.09 8.17 13.82
CA GLY A 185 -6.99 9.50 13.25
C GLY A 185 -5.56 10.02 13.30
N ASN A 186 -4.60 9.15 13.55
CA ASN A 186 -3.20 9.60 13.48
C ASN A 186 -2.89 9.81 12.02
N VAL A 187 -2.10 10.84 11.75
CA VAL A 187 -1.92 11.31 10.37
C VAL A 187 -0.47 11.09 9.99
N ILE A 188 -0.21 10.32 8.90
CA ILE A 188 1.13 9.97 8.48
C ILE A 188 1.50 10.80 7.24
N LEU A 189 2.63 11.52 7.35
CA LEU A 189 3.11 12.41 6.29
C LEU A 189 4.38 11.87 5.64
N ASN A 190 4.55 12.10 4.34
CA ASN A 190 5.62 11.46 3.58
C ASN A 190 7.00 12.09 3.80
N LEU A 191 7.40 12.31 5.03
CA LEU A 191 8.75 12.76 5.34
C LEU A 191 9.45 11.57 5.98
N GLU A 192 10.53 11.15 5.37
CA GLU A 192 11.33 10.08 5.88
C GLU A 192 12.81 10.47 5.91
N ASN A 193 13.59 9.68 6.62
CA ASN A 193 15.05 9.89 6.69
C ASN A 193 15.40 11.31 7.14
N TYR A 194 14.72 11.81 8.16
CA TYR A 194 14.99 13.16 8.68
C TYR A 194 15.61 13.10 10.07
N GLU A 195 16.48 14.05 10.39
CA GLU A 195 16.96 14.12 11.77
C GLU A 195 15.81 14.56 12.68
N LYS A 196 15.62 13.85 13.78
CA LYS A 196 14.54 14.18 14.70
C LYS A 196 14.61 15.62 15.23
N PRO A 197 13.52 16.38 15.07
CA PRO A 197 13.49 17.74 15.59
C PRO A 197 13.02 17.77 17.03
N ARG A 198 13.02 18.94 17.62
CA ARG A 198 12.43 19.16 18.94
C ARG A 198 10.99 19.67 18.77
N THR A 199 10.73 20.29 17.62
CA THR A 199 9.44 20.92 17.34
C THR A 199 9.09 20.69 15.87
N VAL A 200 7.80 20.57 15.59
CA VAL A 200 7.28 20.44 14.23
C VAL A 200 6.19 21.45 14.11
N GLU A 201 6.39 22.44 13.24
CA GLU A 201 5.40 23.47 13.00
C GLU A 201 4.51 23.11 11.84
N LEU A 202 3.20 23.11 12.08
CA LEU A 202 2.20 23.01 11.03
C LEU A 202 1.78 24.44 10.67
N LEU A 203 2.44 24.97 9.66
CA LEU A 203 2.38 26.42 9.37
C LEU A 203 0.96 26.91 9.02
N ASP A 204 0.19 26.05 8.36
CA ASP A 204 -1.19 26.32 7.92
C ASP A 204 -2.21 26.36 9.06
N PHE A 205 -1.80 25.93 10.26
CA PHE A 205 -2.73 25.61 11.35
C PHE A 205 -2.50 26.33 12.65
N ASN A 206 -1.45 27.14 12.72
CA ASN A 206 -1.13 27.92 13.92
C ASN A 206 -0.64 27.03 15.06
N LEU A 207 -0.13 25.84 14.72
CA LEU A 207 0.33 24.87 15.70
C LEU A 207 1.84 24.67 15.64
N ARG A 208 2.47 24.68 16.82
CA ARG A 208 3.87 24.31 17.01
C ARG A 208 3.87 23.08 17.93
N LEU A 209 4.12 21.91 17.37
CA LEU A 209 3.92 20.69 18.13
C LEU A 209 5.24 20.19 18.68
N PRO A 210 5.22 19.66 19.93
CA PRO A 210 6.43 19.02 20.43
C PRO A 210 6.60 17.72 19.70
N TYR A 211 7.84 17.40 19.35
CA TYR A 211 8.17 16.10 18.78
C TYR A 211 8.61 15.19 19.88
N LEU A 212 7.87 14.09 20.07
CA LEU A 212 8.09 13.19 21.22
C LEU A 212 7.95 11.74 20.83
N GLU A 213 8.47 10.86 21.66
CA GLU A 213 8.52 9.44 21.27
C GLU A 213 7.18 8.73 21.40
N THR A 214 6.37 9.13 22.37
CA THR A 214 5.10 8.46 22.65
C THR A 214 3.98 9.42 22.99
N TYR A 215 2.75 8.96 22.74
CA TYR A 215 1.52 9.74 22.92
C TYR A 215 1.37 10.26 24.37
N GLY A 216 1.67 9.39 25.31
CA GLY A 216 1.51 9.72 26.73
C GLY A 216 2.49 10.71 27.28
N LEU A 217 3.34 11.29 26.43
CA LEU A 217 4.24 12.34 26.89
C LEU A 217 3.63 13.74 26.80
N VAL A 218 2.39 13.84 26.33
CA VAL A 218 1.62 15.09 26.45
C VAL A 218 0.29 14.80 27.17
N GLU A 219 -0.40 15.86 27.61
CA GLU A 219 -1.72 15.72 28.25
C GLU A 219 -2.74 15.15 27.25
N LYS A 220 -3.77 14.50 27.77
CA LYS A 220 -4.84 13.98 26.93
C LYS A 220 -5.53 15.12 26.18
N GLY A 221 -5.73 14.96 24.86
CA GLY A 221 -6.33 16.04 24.05
C GLY A 221 -5.30 16.92 23.37
N GLU A 222 -4.04 16.82 23.77
CA GLU A 222 -3.00 17.67 23.18
C GLU A 222 -2.45 17.03 21.94
N MET A 223 -2.00 17.86 21.01
CA MET A 223 -1.43 17.37 19.77
C MET A 223 0.10 17.28 19.86
N LEU A 224 0.66 16.23 19.24
CA LEU A 224 2.09 16.05 19.11
C LEU A 224 2.51 15.49 17.75
N ALA A 225 3.81 15.49 17.52
CA ALA A 225 4.43 14.82 16.42
C ALA A 225 5.33 13.75 17.00
N LEU A 226 5.42 12.62 16.30
CA LEU A 226 6.22 11.50 16.75
C LEU A 226 6.73 10.71 15.57
N PRO A 227 7.78 9.91 15.81
CA PRO A 227 8.27 9.00 14.77
C PRO A 227 7.32 7.90 14.33
N GLY A 228 6.46 7.42 15.23
CA GLY A 228 5.62 6.24 14.97
C GLY A 228 6.48 5.03 14.68
N SER A 229 5.95 4.11 13.87
CA SER A 229 6.62 2.83 13.61
C SER A 229 6.90 2.58 12.14
N HIS A 230 6.67 3.60 11.32
CA HIS A 230 6.62 3.50 9.84
CA HIS A 230 6.75 3.34 9.88
C HIS A 230 7.74 4.21 9.15
N ASP A 231 8.64 4.79 9.91
CA ASP A 231 9.77 5.50 9.31
C ASP A 231 9.37 6.74 8.51
N TYR A 232 8.17 7.26 8.77
CA TYR A 232 7.73 8.57 8.26
C TYR A 232 7.61 9.56 9.44
N LEU A 233 6.77 10.57 9.33
CA LEU A 233 6.45 11.53 10.38
C LEU A 233 4.96 11.36 10.69
N GLU A 234 4.63 11.22 11.99
CA GLU A 234 3.25 11.05 12.45
C GLU A 234 2.80 12.25 13.28
N ILE A 235 1.59 12.71 13.00
CA ILE A 235 0.97 13.76 13.76
C ILE A 235 -0.20 13.10 14.50
N ALA A 236 -0.33 13.34 15.80
CA ALA A 236 -1.31 12.66 16.64
C ALA A 236 -1.88 13.58 17.72
N VAL A 237 -3.10 13.27 18.19
CA VAL A 237 -3.66 13.87 19.39
C VAL A 237 -3.64 12.77 20.41
N ASN A 238 -3.09 13.03 21.59
CA ASN A 238 -3.07 11.98 22.63
C ASN A 238 -4.50 11.64 23.04
N MET A 239 -4.85 10.37 22.80
CA MET A 239 -6.19 9.83 22.98
C MET A 239 -7.29 10.53 22.14
N GLY A 240 -6.87 11.18 21.04
CA GLY A 240 -7.79 11.74 20.08
C GLY A 240 -7.39 11.56 18.64
N SER A 241 -8.04 12.34 17.78
CA SER A 241 -7.87 12.23 16.32
C SER A 241 -7.27 13.52 15.70
N ALA A 242 -6.00 13.48 15.32
CA ALA A 242 -5.39 14.57 14.57
C ALA A 242 -6.14 14.83 13.24
N ALA A 243 -6.54 13.74 12.58
CA ALA A 243 -7.22 13.91 11.28
C ALA A 243 -8.47 14.78 11.43
N GLU A 244 -9.25 14.51 12.47
CA GLU A 244 -10.50 15.25 12.73
C GLU A 244 -10.21 16.68 13.15
N ARG A 245 -9.20 16.88 13.99
CA ARG A 245 -8.89 18.21 14.44
C ARG A 245 -8.38 19.12 13.33
N LEU A 246 -7.57 18.56 12.43
CA LEU A 246 -6.99 19.30 11.31
C LEU A 246 -7.89 19.29 10.07
N ASN A 247 -8.89 18.42 10.09
CA ASN A 247 -9.78 18.22 8.97
C ASN A 247 -8.97 17.89 7.72
N VAL A 248 -8.10 16.88 7.81
CA VAL A 248 -7.31 16.47 6.67
C VAL A 248 -7.69 15.04 6.20
N LYS A 249 -7.35 14.79 4.94
CA LYS A 249 -7.60 13.53 4.28
C LYS A 249 -6.37 13.10 3.52
N VAL A 250 -6.29 11.82 3.17
CA VAL A 250 -5.17 11.32 2.38
C VAL A 250 -5.07 12.09 1.08
N GLY A 251 -3.85 12.46 0.70
CA GLY A 251 -3.61 13.29 -0.46
C GLY A 251 -3.49 14.78 -0.18
N ASP A 252 -4.01 15.25 0.96
CA ASP A 252 -3.87 16.65 1.34
C ASP A 252 -2.39 16.98 1.57
N GLU A 253 -2.01 18.21 1.26
CA GLU A 253 -0.63 18.68 1.43
C GLU A 253 -0.58 19.67 2.54
N LEU A 254 0.46 19.57 3.38
CA LEU A 254 0.65 20.48 4.50
C LEU A 254 2.03 21.16 4.48
N ARG A 255 2.09 22.43 4.84
CA ARG A 255 3.39 23.10 4.99
C ARG A 255 3.87 22.84 6.42
N VAL A 256 5.11 22.34 6.54
CA VAL A 256 5.67 21.85 7.78
C VAL A 256 7.13 22.27 7.94
N ARG A 257 7.46 22.82 9.11
CA ARG A 257 8.83 23.19 9.40
C ARG A 257 9.34 22.44 10.62
N LEU A 258 10.55 21.91 10.52
CA LEU A 258 11.17 21.25 11.63
C LEU A 258 12.14 22.20 12.33
N LEU A 259 11.99 22.31 13.65
CA LEU A 259 12.78 23.25 14.47
C LEU A 259 13.50 22.51 15.59
#